data_4X47
#
_entry.id   4X47
#
_cell.length_a   101.305
_cell.length_b   101.305
_cell.length_c   131.939
_cell.angle_alpha   90.000
_cell.angle_beta   90.000
_cell.angle_gamma   120.000
#
_symmetry.space_group_name_H-M   'H 3'
#
loop_
_entity.id
_entity.type
_entity.pdbx_description
1 polymer Anhydrosialidase
2 non-polymer '2-DEOXY-2,3-DEHYDRO-N-ACETYL-NEURAMINIC ACID'
3 non-polymer 'PHOSPHATE ION'
4 water water
#
_entity_poly.entity_id   1
_entity_poly.type   'polypeptide(L)'
_entity_poly.pdbx_seq_one_letter_code
;GAMADIGSNIFYAGDATKSNYFRIPSLLALDSGTVIAAADARYGGTHDAKSKINTAFAKSTDGGKTWGQPTLPLKFDDYV
AKNIDWPRDSVGKNVQIQGSASYIDPVLLEDKETHRVFLFADMMPAGIGSSNASVGSGFKEVDGKKYLKLHWKDDAAGTY
DYSVRENGTIYNDTTNSATEYSVDGEYNLYKNGNAMLCKQYDYNFEGTKLLETQTDTDVNMNVFYKDADFKVFPTTYLAM
KYSDDEGETWSDLQIVSTFKPEESKFLVLGPGVGKQIANGEHAGRLIVPLYSKSSAELGFMYSDDHGNNWTYVEADQNTG
GATAEAQIVEMPDGSLKTYLRTGSGYIAQVMSTDGGETWSERVPLTEIATTGYGTQLSVINYSQPVDGKPAILLSAPNAT
NGRKNGKIWIGLISETGNSGKDKYSVDWKYCYSVDTPQMGYSYSCLTELPDGEIGLLYEKYDSWSRNELHLKNILKYERF
NIDELKVQP
;
_entity_poly.pdbx_strand_id   A
#
# COMPACT_ATOMS: atom_id res chain seq x y z
N GLY A 1 13.86 -9.75 -24.71
CA GLY A 1 12.38 -9.56 -24.63
C GLY A 1 11.82 -9.83 -25.99
N ALA A 2 10.54 -10.23 -26.02
CA ALA A 2 9.85 -10.50 -27.26
C ALA A 2 9.19 -9.20 -27.77
N MET A 3 8.66 -9.16 -29.01
CA MET A 3 7.83 -8.02 -29.46
C MET A 3 6.74 -7.75 -28.39
N ALA A 4 6.08 -8.83 -27.99
CA ALA A 4 4.99 -8.74 -27.04
C ALA A 4 5.40 -8.15 -25.70
N ASP A 5 6.69 -8.16 -25.35
CA ASP A 5 7.13 -7.57 -24.09
C ASP A 5 7.59 -6.11 -24.18
N ILE A 6 7.53 -5.52 -25.38
CA ILE A 6 7.93 -4.15 -25.52
C ILE A 6 6.89 -3.32 -24.81
N GLY A 7 7.36 -2.44 -23.96
CA GLY A 7 6.48 -1.57 -23.22
C GLY A 7 5.93 -2.23 -21.95
N SER A 8 6.68 -3.21 -21.40
CA SER A 8 6.26 -3.97 -20.23
C SER A 8 6.97 -3.55 -18.93
N ASN A 9 7.58 -2.36 -18.97
CA ASN A 9 8.11 -1.70 -17.78
C ASN A 9 7.50 -0.30 -17.65
N ILE A 10 6.97 -0.02 -16.47
CA ILE A 10 6.45 1.29 -16.11
C ILE A 10 7.55 1.96 -15.29
N PHE A 11 7.98 1.31 -14.22
CA PHE A 11 9.07 1.78 -13.38
C PHE A 11 10.24 0.87 -13.69
N TYR A 12 11.47 1.40 -13.71
CA TYR A 12 12.67 0.61 -14.03
C TYR A 12 13.94 1.32 -13.55
N ALA A 13 14.97 0.53 -13.28
CA ALA A 13 16.27 1.02 -12.88
C ALA A 13 16.80 1.98 -13.93
N GLY A 14 17.06 3.23 -13.54
CA GLY A 14 17.46 4.25 -14.49
C GLY A 14 16.38 5.28 -14.79
N ASP A 15 15.11 5.04 -14.43
CA ASP A 15 14.09 6.07 -14.61
C ASP A 15 14.32 7.18 -13.56
N ALA A 16 13.45 8.19 -13.61
CA ALA A 16 13.41 9.39 -12.72
C ALA A 16 13.38 9.20 -11.19
N THR A 17 13.00 8.02 -10.70
CA THR A 17 12.83 7.83 -9.29
C THR A 17 14.18 7.69 -8.64
N LYS A 18 15.13 7.22 -9.46
CA LYS A 18 16.49 7.07 -9.05
C LYS A 18 16.63 5.84 -8.20
N SER A 19 15.60 4.99 -8.25
CA SER A 19 15.66 3.72 -7.52
C SER A 19 16.06 2.60 -8.46
N ASN A 20 16.89 1.70 -7.96
CA ASN A 20 17.14 0.49 -8.73
C ASN A 20 16.11 -0.65 -8.57
N TYR A 21 15.22 -0.55 -7.60
CA TYR A 21 14.32 -1.65 -7.25
C TYR A 21 12.94 -1.10 -7.04
N PHE A 22 11.96 -1.98 -7.29
CA PHE A 22 10.60 -1.66 -7.16
C PHE A 22 9.88 -2.93 -6.76
N ARG A 23 8.84 -2.71 -5.96
CA ARG A 23 7.94 -3.77 -5.51
C ARG A 23 6.56 -3.13 -5.26
N ILE A 24 5.53 -3.99 -5.08
CA ILE A 24 4.19 -3.65 -4.59
C ILE A 24 3.36 -2.83 -5.61
N PRO A 25 2.90 -3.49 -6.67
CA PRO A 25 2.25 -2.81 -7.72
C PRO A 25 0.88 -2.38 -7.38
N SER A 26 0.56 -1.18 -7.90
CA SER A 26 -0.78 -0.65 -7.86
C SER A 26 -1.07 -0.08 -9.28
N LEU A 27 -2.24 -0.44 -9.76
CA LEU A 27 -2.73 -0.20 -11.10
C LEU A 27 -4.21 0.10 -11.05
N LEU A 28 -4.60 1.21 -11.63
CA LEU A 28 -5.99 1.63 -11.61
C LEU A 28 -6.36 2.46 -12.87
N ALA A 29 -7.30 1.91 -13.63
CA ALA A 29 -8.04 2.66 -14.69
C ALA A 29 -9.03 3.60 -14.03
N LEU A 30 -8.86 4.88 -14.33
CA LEU A 30 -9.79 5.89 -13.93
C LEU A 30 -11.03 5.92 -14.84
N ASP A 31 -12.07 6.55 -14.33
CA ASP A 31 -13.34 6.65 -15.02
C ASP A 31 -13.25 7.38 -16.37
N SER A 32 -12.42 8.40 -16.44
CA SER A 32 -12.19 9.13 -17.64
C SER A 32 -11.59 8.22 -18.70
N GLY A 33 -10.71 7.32 -18.26
CA GLY A 33 -10.12 6.30 -19.09
C GLY A 33 -8.62 6.39 -19.08
N THR A 34 -8.11 7.49 -18.52
CA THR A 34 -6.72 7.57 -18.07
C THR A 34 -6.42 6.43 -17.07
N VAL A 35 -5.16 6.00 -17.07
CA VAL A 35 -4.77 4.87 -16.26
C VAL A 35 -3.57 5.29 -15.51
N ILE A 36 -3.58 4.90 -14.22
CA ILE A 36 -2.52 5.27 -13.33
C ILE A 36 -1.96 4.04 -12.62
N ALA A 37 -0.74 4.23 -12.13
CA ALA A 37 -0.02 3.20 -11.37
C ALA A 37 0.91 3.79 -10.36
N ALA A 38 1.29 2.95 -9.39
CA ALA A 38 2.12 3.28 -8.29
C ALA A 38 2.86 2.05 -7.80
N ALA A 39 4.01 2.26 -7.20
CA ALA A 39 4.80 1.15 -6.61
C ALA A 39 5.76 1.73 -5.64
N ASP A 40 6.28 0.91 -4.73
CA ASP A 40 7.43 1.25 -3.93
C ASP A 40 8.64 1.50 -4.78
N ALA A 41 9.34 2.61 -4.52
CA ALA A 41 10.68 2.82 -5.05
C ALA A 41 11.60 2.42 -3.93
N ARG A 42 12.03 1.14 -3.95
CA ARG A 42 12.88 0.55 -2.93
C ARG A 42 14.35 0.78 -3.30
N TYR A 43 14.99 1.71 -2.58
CA TYR A 43 16.36 2.16 -2.92
C TYR A 43 17.40 1.23 -2.42
N GLY A 44 17.14 0.68 -1.24
CA GLY A 44 18.10 -0.13 -0.58
C GLY A 44 17.87 -1.59 -0.82
N GLY A 45 17.85 -1.99 -2.07
CA GLY A 45 17.51 -3.40 -2.42
C GLY A 45 16.02 -3.56 -2.16
N THR A 46 15.52 -4.80 -2.13
CA THR A 46 14.07 -4.98 -2.13
C THR A 46 13.52 -5.19 -0.78
N HIS A 47 14.34 -4.93 0.25
CA HIS A 47 13.90 -5.07 1.62
C HIS A 47 12.68 -4.16 1.88
N ASP A 48 11.80 -4.69 2.71
CA ASP A 48 10.71 -3.99 3.38
C ASP A 48 11.34 -2.98 4.32
N ALA A 49 10.57 -1.98 4.71
CA ALA A 49 10.98 -1.08 5.76
C ALA A 49 11.26 -1.99 6.96
N LYS A 50 12.25 -1.63 7.76
CA LYS A 50 12.98 -0.38 7.68
C LYS A 50 13.97 -0.30 6.54
N SER A 51 13.98 0.82 5.86
CA SER A 51 14.79 0.98 4.65
C SER A 51 14.67 2.43 4.20
N LYS A 52 14.92 2.67 2.94
CA LYS A 52 14.61 3.90 2.30
C LYS A 52 13.79 3.57 1.12
N ILE A 53 12.54 4.01 1.17
CA ILE A 53 11.58 3.74 0.17
C ILE A 53 10.79 5.01 0.03
N ASN A 54 10.52 5.39 -1.22
CA ASN A 54 9.47 6.39 -1.56
C ASN A 54 8.44 5.77 -2.47
N THR A 55 7.29 6.43 -2.59
CA THR A 55 6.22 5.93 -3.43
C THR A 55 6.31 6.57 -4.81
N ALA A 56 6.40 5.72 -5.82
CA ALA A 56 6.38 6.11 -7.20
C ALA A 56 5.01 6.04 -7.85
N PHE A 57 4.87 6.79 -8.92
CA PHE A 57 3.61 7.06 -9.51
C PHE A 57 3.85 7.37 -11.02
N ALA A 58 2.99 6.85 -11.86
CA ALA A 58 3.02 7.11 -13.28
C ALA A 58 1.63 6.95 -13.82
N LYS A 59 1.44 7.42 -15.06
CA LYS A 59 0.16 7.33 -15.73
C LYS A 59 0.23 7.26 -17.25
N SER A 60 -0.89 6.80 -17.82
CA SER A 60 -1.06 6.58 -19.26
C SER A 60 -2.30 7.30 -19.71
N THR A 61 -2.12 8.11 -20.74
CA THR A 61 -3.23 8.78 -21.42
C THR A 61 -3.87 7.87 -22.48
N ASP A 62 -3.10 6.95 -23.05
CA ASP A 62 -3.58 6.21 -24.22
C ASP A 62 -4.19 4.86 -23.83
N GLY A 63 -4.98 4.84 -22.76
CA GLY A 63 -5.68 3.66 -22.35
C GLY A 63 -4.75 2.64 -21.70
N GLY A 64 -3.56 3.05 -21.29
CA GLY A 64 -2.62 2.12 -20.65
C GLY A 64 -1.72 1.39 -21.61
N LYS A 65 -1.49 1.99 -22.77
CA LYS A 65 -0.60 1.40 -23.75
C LYS A 65 0.77 1.87 -23.38
N THR A 66 0.86 3.14 -23.03
CA THR A 66 2.13 3.73 -22.84
C THR A 66 2.13 4.60 -21.59
N TRP A 67 3.32 4.76 -20.99
CA TRP A 67 3.49 5.38 -19.65
C TRP A 67 4.45 6.56 -19.65
N GLY A 68 4.07 7.61 -18.93
CA GLY A 68 4.90 8.77 -18.79
C GLY A 68 6.00 8.57 -17.80
N GLN A 69 6.71 9.63 -17.50
CA GLN A 69 7.84 9.58 -16.61
C GLN A 69 7.30 9.34 -15.22
N PRO A 70 8.08 8.72 -14.31
CA PRO A 70 7.51 8.50 -12.98
C PRO A 70 7.69 9.70 -12.08
N THR A 71 6.73 9.89 -11.16
CA THR A 71 6.89 10.88 -10.09
C THR A 71 6.90 10.22 -8.70
N LEU A 72 7.31 11.02 -7.70
CA LEU A 72 7.46 10.60 -6.30
C LEU A 72 6.55 11.42 -5.34
N PRO A 73 5.23 11.20 -5.39
CA PRO A 73 4.30 11.99 -4.56
C PRO A 73 4.49 11.84 -3.08
N LEU A 74 4.97 10.71 -2.61
CA LEU A 74 5.28 10.60 -1.21
C LEU A 74 6.75 10.27 -1.13
N LYS A 75 7.53 11.17 -0.54
CA LYS A 75 8.98 10.99 -0.50
C LYS A 75 9.57 11.65 0.74
N PHE A 76 10.61 11.04 1.27
CA PHE A 76 11.34 11.64 2.36
C PHE A 76 12.70 12.03 1.82
N ASP A 77 13.35 13.01 2.45
CA ASP A 77 14.65 13.47 1.98
C ASP A 77 15.73 13.32 3.03
N ASP A 78 15.45 12.56 4.09
CA ASP A 78 16.47 12.39 5.11
C ASP A 78 17.69 11.63 4.64
N TYR A 79 17.51 10.66 3.75
CA TYR A 79 18.58 9.92 3.07
C TYR A 79 18.39 10.24 1.60
N VAL A 80 19.48 10.25 0.82
CA VAL A 80 19.31 10.61 -0.63
C VAL A 80 18.68 9.46 -1.42
N ALA A 81 18.00 9.82 -2.49
CA ALA A 81 17.48 8.90 -3.46
C ALA A 81 18.54 8.63 -4.50
N LYS A 82 19.13 7.44 -4.53
CA LYS A 82 20.09 7.15 -5.61
C LYS A 82 20.05 5.71 -6.12
N ASN A 83 20.60 5.48 -7.30
CA ASN A 83 20.73 4.10 -7.85
C ASN A 83 21.93 3.43 -7.33
N ILE A 84 21.72 2.42 -6.51
CA ILE A 84 22.80 1.65 -5.92
C ILE A 84 22.48 0.16 -6.16
N ASP A 85 23.53 -0.66 -6.30
CA ASP A 85 23.32 -2.05 -6.60
C ASP A 85 23.48 -2.66 -5.30
N TRP A 86 22.48 -3.36 -4.81
CA TRP A 86 22.59 -3.89 -3.48
C TRP A 86 23.40 -5.21 -3.56
N PRO A 87 24.29 -5.48 -2.60
CA PRO A 87 24.91 -6.80 -2.62
C PRO A 87 23.92 -7.95 -2.53
N ARG A 88 24.23 -9.03 -3.26
CA ARG A 88 23.41 -10.25 -3.25
C ARG A 88 24.08 -11.46 -2.55
N ASP A 89 25.17 -11.25 -1.81
CA ASP A 89 25.87 -12.36 -1.20
C ASP A 89 25.23 -12.88 0.06
N SER A 90 25.70 -14.03 0.50
CA SER A 90 25.15 -14.70 1.68
C SER A 90 25.03 -13.78 2.91
N VAL A 91 25.87 -12.76 3.00
CA VAL A 91 25.91 -11.94 4.19
C VAL A 91 25.27 -10.62 3.90
N GLY A 92 25.75 -9.97 2.84
CA GLY A 92 25.42 -8.62 2.50
C GLY A 92 23.96 -8.52 2.13
N LYS A 93 23.43 -9.58 1.51
CA LYS A 93 22.11 -9.52 0.95
C LYS A 93 21.12 -9.16 2.05
N ASN A 94 21.46 -9.47 3.30
CA ASN A 94 20.60 -9.21 4.42
C ASN A 94 20.72 -7.84 5.05
N VAL A 95 21.64 -7.02 4.56
CA VAL A 95 21.89 -5.77 5.18
C VAL A 95 20.83 -4.76 4.69
N GLN A 96 20.17 -4.09 5.62
CA GLN A 96 19.30 -2.95 5.26
C GLN A 96 19.66 -1.63 5.93
N ILE A 97 19.18 -0.56 5.30
CA ILE A 97 19.30 0.79 5.85
C ILE A 97 18.64 0.88 7.22
N GLN A 98 19.42 1.31 8.21
CA GLN A 98 18.98 1.32 9.59
C GLN A 98 18.30 2.60 9.98
N GLY A 99 18.51 3.69 9.24
CA GLY A 99 18.13 5.01 9.76
C GLY A 99 17.24 5.95 8.99
N SER A 100 16.62 5.50 7.92
CA SER A 100 15.81 6.30 7.11
C SER A 100 14.33 6.09 7.41
N ALA A 101 13.56 7.16 7.14
CA ALA A 101 12.09 7.15 6.99
C ALA A 101 11.67 6.62 5.60
N SER A 102 10.49 6.03 5.53
CA SER A 102 10.00 5.36 4.36
C SER A 102 8.50 5.50 4.16
N TYR A 103 8.11 5.57 2.89
CA TYR A 103 6.71 5.25 2.49
C TYR A 103 6.68 3.91 1.74
N ILE A 104 5.71 3.07 2.07
CA ILE A 104 5.70 1.67 1.64
C ILE A 104 4.30 1.20 1.49
N ASP A 105 4.07 0.38 0.46
CA ASP A 105 2.82 -0.36 0.27
C ASP A 105 1.62 0.53 -0.19
N PRO A 106 1.63 0.98 -1.45
CA PRO A 106 0.61 1.94 -1.87
C PRO A 106 -0.78 1.34 -2.17
N VAL A 107 -1.80 2.18 -2.04
CA VAL A 107 -3.14 1.84 -2.49
C VAL A 107 -3.64 3.03 -3.35
N LEU A 108 -4.22 2.78 -4.52
CA LEU A 108 -4.82 3.87 -5.28
C LEU A 108 -6.31 3.70 -5.22
N LEU A 109 -7.03 4.81 -5.16
CA LEU A 109 -8.50 4.80 -5.12
C LEU A 109 -9.02 6.02 -5.86
N GLU A 110 -10.09 5.85 -6.64
CA GLU A 110 -10.75 7.02 -7.23
C GLU A 110 -12.17 7.19 -6.73
N ASP A 111 -12.51 8.42 -6.36
CA ASP A 111 -13.92 8.74 -6.15
C ASP A 111 -14.47 9.12 -7.49
N LYS A 112 -15.31 8.25 -8.06
CA LYS A 112 -15.79 8.51 -9.42
C LYS A 112 -16.81 9.60 -9.38
N GLU A 113 -17.59 9.67 -8.30
CA GLU A 113 -18.57 10.75 -8.15
C GLU A 113 -17.96 12.14 -8.12
N THR A 114 -16.69 12.29 -7.73
CA THR A 114 -16.07 13.64 -7.67
C THR A 114 -14.80 13.79 -8.52
N HIS A 115 -14.39 12.71 -9.15
CA HIS A 115 -13.13 12.68 -9.83
C HIS A 115 -11.99 13.16 -8.96
N ARG A 116 -11.89 12.49 -7.83
CA ARG A 116 -10.77 12.65 -6.94
C ARG A 116 -10.09 11.30 -6.81
N VAL A 117 -8.78 11.35 -6.94
CA VAL A 117 -7.92 10.17 -6.82
C VAL A 117 -7.13 10.35 -5.54
N PHE A 118 -7.15 9.30 -4.71
CA PHE A 118 -6.37 9.25 -3.46
C PHE A 118 -5.19 8.27 -3.56
N LEU A 119 -4.04 8.67 -3.04
CA LEU A 119 -2.93 7.76 -2.92
C LEU A 119 -2.62 7.56 -1.44
N PHE A 120 -2.60 6.33 -1.00
CA PHE A 120 -2.28 6.03 0.38
C PHE A 120 -0.99 5.21 0.42
N ALA A 121 -0.24 5.33 1.49
CA ALA A 121 0.91 4.50 1.68
C ALA A 121 1.15 4.44 3.21
N ASP A 122 1.81 3.38 3.68
CA ASP A 122 2.20 3.30 5.10
C ASP A 122 3.31 4.34 5.24
N MET A 123 3.35 5.01 6.39
CA MET A 123 4.37 6.03 6.65
C MET A 123 5.19 5.67 7.86
N MET A 124 6.45 5.42 7.62
CA MET A 124 7.35 4.87 8.63
C MET A 124 8.33 5.91 9.09
N PRO A 125 8.40 6.18 10.43
CA PRO A 125 9.45 7.05 10.90
C PRO A 125 10.81 6.37 10.79
N ALA A 126 11.83 7.15 11.12
CA ALA A 126 13.18 6.76 10.80
C ALA A 126 13.46 5.44 11.44
N GLY A 127 13.95 4.50 10.63
CA GLY A 127 14.42 3.17 11.09
C GLY A 127 13.30 2.27 11.54
N ILE A 128 12.07 2.58 11.07
CA ILE A 128 10.95 1.76 11.47
C ILE A 128 10.33 1.00 10.26
N GLY A 129 9.87 -0.21 10.56
CA GLY A 129 9.05 -1.01 9.70
C GLY A 129 7.98 -1.61 10.56
N SER A 130 7.03 -2.31 9.94
CA SER A 130 5.99 -3.02 10.69
C SER A 130 6.60 -3.85 11.78
N SER A 131 7.68 -4.57 11.43
CA SER A 131 8.26 -5.58 12.39
C SER A 131 8.78 -4.98 13.70
N ASN A 132 9.28 -3.74 13.68
CA ASN A 132 9.85 -3.09 14.90
C ASN A 132 9.11 -1.81 15.35
N ALA A 133 7.93 -1.53 14.81
CA ALA A 133 7.05 -0.47 15.34
C ALA A 133 6.73 -0.61 16.86
N SER A 134 6.53 0.49 17.56
CA SER A 134 6.00 0.43 18.93
C SER A 134 4.49 0.39 18.95
N VAL A 135 4.00 -0.09 20.07
CA VAL A 135 2.57 -0.17 20.37
C VAL A 135 2.07 1.22 20.84
N GLY A 136 1.09 1.74 20.13
CA GLY A 136 0.49 2.98 20.42
C GLY A 136 -0.06 3.58 19.12
N SER A 137 -0.89 4.61 19.26
CA SER A 137 -1.53 5.27 18.11
C SER A 137 -0.61 6.29 17.50
N GLY A 138 0.25 6.86 18.31
CA GLY A 138 1.05 8.02 17.88
C GLY A 138 0.41 9.39 18.10
N PHE A 139 -0.80 9.39 18.62
CA PHE A 139 -1.51 10.64 18.89
C PHE A 139 -1.85 10.72 20.40
N LYS A 140 -2.03 11.91 20.92
CA LYS A 140 -2.54 12.10 22.24
C LYS A 140 -3.84 12.86 22.21
N GLU A 141 -4.64 12.71 23.26
CA GLU A 141 -5.85 13.54 23.44
C GLU A 141 -5.59 14.63 24.43
N VAL A 142 -5.93 15.87 24.06
CA VAL A 142 -5.74 17.03 24.93
C VAL A 142 -7.05 17.84 24.91
N ASP A 143 -7.69 17.93 26.05
CA ASP A 143 -9.09 18.39 26.19
C ASP A 143 -9.99 17.71 25.14
N GLY A 144 -9.86 16.39 24.97
CA GLY A 144 -10.80 15.61 24.16
C GLY A 144 -10.45 15.43 22.68
N LYS A 145 -9.47 16.24 22.22
CA LYS A 145 -9.03 16.32 20.82
C LYS A 145 -7.65 15.68 20.55
N LYS A 146 -7.56 14.90 19.46
CA LYS A 146 -6.38 14.13 19.10
C LYS A 146 -5.41 14.99 18.38
N TYR A 147 -4.15 14.95 18.84
CA TYR A 147 -3.08 15.72 18.25
C TYR A 147 -1.90 14.77 18.09
N LEU A 148 -1.09 14.98 17.08
CA LEU A 148 0.04 14.12 16.89
C LEU A 148 1.03 14.47 18.00
N LYS A 149 1.53 13.44 18.70
CA LYS A 149 2.46 13.66 19.82
C LYS A 149 3.94 13.71 19.40
N LEU A 150 4.75 14.42 20.19
CA LEU A 150 6.15 14.63 19.86
C LEU A 150 7.11 14.55 21.08
N HIS A 151 8.28 14.00 20.83
CA HIS A 151 9.31 13.84 21.81
C HIS A 151 10.34 14.93 21.54
N TRP A 152 10.60 15.78 22.54
CA TRP A 152 11.70 16.72 22.45
C TRP A 152 13.01 16.01 22.83
N LYS A 153 14.05 16.22 22.03
CA LYS A 153 15.38 15.60 22.15
C LYS A 153 15.93 15.56 23.52
N ASP A 154 15.77 16.63 24.27
CA ASP A 154 16.36 16.69 25.61
C ASP A 154 15.41 16.20 26.70
N ASP A 155 14.28 15.61 26.31
CA ASP A 155 13.40 14.99 27.30
C ASP A 155 13.76 13.52 27.51
N ALA A 156 13.21 12.95 28.55
CA ALA A 156 13.47 11.57 28.88
C ALA A 156 12.91 10.64 27.77
N ALA A 157 13.58 9.51 27.52
CA ALA A 157 13.13 8.57 26.46
C ALA A 157 11.67 8.18 26.73
N GLY A 158 10.87 8.12 25.69
CA GLY A 158 9.48 7.70 25.87
C GLY A 158 8.60 8.76 26.46
N THR A 159 9.19 9.94 26.68
CA THR A 159 8.48 11.11 27.13
C THR A 159 8.06 11.96 25.92
N TYR A 160 6.74 12.09 25.74
CA TYR A 160 6.13 12.86 24.63
C TYR A 160 5.32 13.98 25.28
N ASP A 161 5.99 15.08 25.58
CA ASP A 161 5.41 16.17 26.31
C ASP A 161 4.93 17.29 25.36
N TYR A 162 4.96 17.05 24.04
CA TYR A 162 4.59 18.07 23.05
C TYR A 162 3.57 17.48 22.04
N SER A 163 2.97 18.39 21.25
CA SER A 163 1.91 18.04 20.28
C SER A 163 1.83 19.11 19.19
N VAL A 164 1.49 18.65 18.00
CA VAL A 164 1.24 19.49 16.86
C VAL A 164 -0.20 19.87 16.90
N ARG A 165 -0.48 21.15 16.97
CA ARG A 165 -1.87 21.59 17.12
C ARG A 165 -2.22 22.47 15.94
N GLU A 166 -3.26 23.28 16.07
CA GLU A 166 -3.70 24.16 14.97
C GLU A 166 -2.55 24.99 14.41
N ASN A 167 -2.53 25.16 13.10
CA ASN A 167 -1.49 25.88 12.36
C ASN A 167 -0.14 25.24 12.38
N GLY A 168 -0.06 24.01 12.90
CA GLY A 168 1.21 23.34 12.99
C GLY A 168 1.95 23.83 14.21
N THR A 169 1.23 24.58 15.06
CA THR A 169 1.85 25.10 16.25
C THR A 169 2.17 23.95 17.20
N ILE A 170 3.44 23.91 17.56
CA ILE A 170 3.91 22.94 18.55
C ILE A 170 3.71 23.51 19.95
N TYR A 171 2.86 22.81 20.72
CA TYR A 171 2.54 23.09 22.14
C TYR A 171 3.31 22.23 23.14
N ASN A 172 3.65 22.82 24.26
CA ASN A 172 4.09 22.06 25.44
C ASN A 172 2.85 21.68 26.22
N ASP A 173 2.59 20.41 26.32
CA ASP A 173 1.38 19.95 26.88
C ASP A 173 1.41 19.98 28.41
N THR A 174 2.61 20.04 29.00
CA THR A 174 2.67 20.14 30.46
C THR A 174 2.17 21.50 30.92
N THR A 175 2.58 22.56 30.25
CA THR A 175 2.01 23.83 30.55
C THR A 175 0.95 24.30 29.59
N ASN A 176 0.65 23.53 28.55
CA ASN A 176 -0.43 23.89 27.63
C ASN A 176 -0.20 25.23 26.93
N SER A 177 1.01 25.46 26.45
CA SER A 177 1.28 26.73 25.83
C SER A 177 2.12 26.54 24.57
N ALA A 178 1.92 27.44 23.62
CA ALA A 178 2.65 27.40 22.37
C ALA A 178 4.13 27.66 22.61
N THR A 179 4.97 26.97 21.85
CA THR A 179 6.43 27.16 21.86
C THR A 179 6.78 27.98 20.62
N GLU A 180 8.04 28.29 20.40
CA GLU A 180 8.40 29.00 19.16
C GLU A 180 8.54 28.09 17.94
N TYR A 181 8.15 26.84 18.09
CA TYR A 181 8.36 25.85 17.03
C TYR A 181 7.05 25.51 16.37
N SER A 182 7.12 25.04 15.15
CA SER A 182 5.94 24.62 14.44
C SER A 182 6.30 23.63 13.31
N VAL A 183 5.29 23.05 12.67
CA VAL A 183 5.56 22.32 11.43
C VAL A 183 4.79 22.94 10.33
N ASP A 184 5.32 22.82 9.13
CA ASP A 184 4.63 23.31 7.96
C ASP A 184 3.75 22.20 7.40
N GLY A 185 3.28 22.34 6.16
CA GLY A 185 2.37 21.35 5.57
C GLY A 185 3.00 20.00 5.22
N GLU A 186 4.32 19.95 5.19
CA GLU A 186 5.14 18.77 4.91
C GLU A 186 5.62 18.14 6.20
N TYR A 187 5.22 18.69 7.31
CA TYR A 187 5.67 18.24 8.58
C TYR A 187 7.15 18.49 8.81
N ASN A 188 7.69 19.49 8.10
CA ASN A 188 9.03 19.99 8.37
C ASN A 188 9.04 21.00 9.52
N LEU A 189 10.14 21.08 10.22
CA LEU A 189 10.14 21.83 11.49
C LEU A 189 10.61 23.27 11.32
N TYR A 190 10.09 24.16 12.17
CA TYR A 190 10.44 25.60 12.14
C TYR A 190 10.60 26.11 13.55
N LYS A 191 11.55 27.02 13.72
CA LYS A 191 11.77 27.70 14.99
C LYS A 191 11.66 29.20 14.74
N ASN A 192 10.68 29.84 15.36
CA ASN A 192 10.43 31.26 15.22
C ASN A 192 10.35 31.65 13.73
N GLY A 193 9.62 30.85 12.93
CA GLY A 193 9.42 31.14 11.49
C GLY A 193 10.52 30.64 10.56
N ASN A 194 11.64 30.21 11.14
CA ASN A 194 12.83 29.80 10.39
C ASN A 194 13.01 28.27 10.17
N ALA A 195 13.18 27.87 8.91
CA ALA A 195 13.28 26.47 8.55
C ALA A 195 14.44 25.84 9.31
N MET A 196 14.15 24.80 10.10
CA MET A 196 15.24 24.00 10.65
C MET A 196 15.71 22.99 9.61
N LEU A 197 16.97 22.60 9.77
CA LEU A 197 17.66 21.82 8.75
C LEU A 197 18.46 20.76 9.44
N CYS A 198 18.87 19.76 8.67
CA CYS A 198 19.79 18.75 9.16
C CYS A 198 20.48 18.15 7.94
N LYS A 199 21.52 17.35 8.17
CA LYS A 199 22.35 16.84 7.08
C LYS A 199 21.81 15.50 6.59
N GLN A 200 21.54 15.46 5.30
CA GLN A 200 21.18 14.25 4.58
C GLN A 200 22.24 13.17 4.70
N TYR A 201 21.77 11.93 4.79
CA TYR A 201 22.67 10.79 4.83
C TYR A 201 22.88 10.21 3.43
N ASP A 202 24.07 9.64 3.26
CA ASP A 202 24.38 8.78 2.14
C ASP A 202 24.58 7.43 2.76
N TYR A 203 24.59 6.47 1.87
CA TYR A 203 24.81 5.08 2.19
C TYR A 203 25.73 4.48 1.11
N ASN A 204 26.78 3.82 1.55
CA ASN A 204 27.59 3.15 0.58
C ASN A 204 28.11 2.01 1.30
N PHE A 205 28.39 0.96 0.53
CA PHE A 205 28.94 -0.26 1.10
C PHE A 205 30.45 -0.27 1.08
N GLU A 206 31.07 -0.88 2.07
CA GLU A 206 32.49 -1.21 1.98
C GLU A 206 32.60 -2.63 2.35
N GLY A 207 32.79 -3.46 1.32
CA GLY A 207 32.44 -4.87 1.44
C GLY A 207 30.99 -4.91 1.86
N THR A 208 30.71 -5.78 2.83
CA THR A 208 29.39 -6.03 3.39
C THR A 208 29.03 -5.20 4.63
N LYS A 209 29.87 -4.21 4.92
CA LYS A 209 29.51 -3.12 5.84
C LYS A 209 28.80 -2.00 5.08
N LEU A 210 27.62 -1.63 5.57
CA LEU A 210 26.85 -0.52 4.98
C LEU A 210 27.15 0.77 5.72
N LEU A 211 27.68 1.77 5.04
CA LEU A 211 28.13 2.97 5.71
C LEU A 211 27.14 4.10 5.51
N GLU A 212 26.43 4.43 6.57
CA GLU A 212 25.39 5.42 6.56
C GLU A 212 26.02 6.62 7.23
N THR A 213 26.25 7.66 6.45
CA THR A 213 27.09 8.80 6.82
C THR A 213 26.51 10.11 6.28
N GLN A 214 26.57 11.15 7.11
CA GLN A 214 26.07 12.50 6.80
C GLN A 214 26.82 13.09 5.65
N THR A 215 26.15 13.87 4.82
CA THR A 215 26.86 14.58 3.79
C THR A 215 26.90 16.06 4.20
N ASP A 216 27.12 16.96 3.23
CA ASP A 216 27.02 18.38 3.46
C ASP A 216 25.82 18.94 2.72
N THR A 217 24.73 18.19 2.71
CA THR A 217 23.53 18.63 2.02
C THR A 217 22.49 18.85 3.11
N ASP A 218 21.97 20.06 3.16
CA ASP A 218 20.97 20.42 4.13
C ASP A 218 19.65 20.00 3.53
N VAL A 219 18.81 19.45 4.40
CA VAL A 219 17.43 19.17 4.06
C VAL A 219 16.58 19.67 5.20
N ASN A 220 15.32 19.90 4.94
CA ASN A 220 14.39 20.23 6.01
C ASN A 220 14.30 19.16 7.10
N MET A 221 14.58 19.56 8.33
CA MET A 221 14.32 18.74 9.48
C MET A 221 12.82 18.38 9.47
N ASN A 222 12.53 17.09 9.53
CA ASN A 222 11.16 16.59 9.54
C ASN A 222 10.99 15.78 10.77
N VAL A 223 9.78 15.82 11.33
CA VAL A 223 9.50 15.13 12.62
C VAL A 223 9.58 13.61 12.54
N PHE A 224 9.62 13.10 11.32
CA PHE A 224 9.78 11.69 11.02
C PHE A 224 11.24 11.26 10.87
N TYR A 225 12.20 12.19 11.06
CA TYR A 225 13.62 11.89 10.87
C TYR A 225 14.32 11.47 12.12
N LYS A 226 15.40 10.75 11.91
CA LYS A 226 16.13 10.22 13.00
C LYS A 226 16.79 11.42 13.76
N ASP A 227 17.26 12.40 13.03
CA ASP A 227 17.99 13.55 13.59
C ASP A 227 17.17 14.84 13.74
N ALA A 228 15.90 14.71 14.15
CA ALA A 228 15.01 15.85 14.41
C ALA A 228 14.97 16.20 15.89
N ASP A 229 14.93 17.50 16.16
CA ASP A 229 14.83 18.03 17.53
C ASP A 229 13.52 17.60 18.22
N PHE A 230 12.45 17.51 17.42
CA PHE A 230 11.18 16.90 17.86
C PHE A 230 10.86 15.65 17.04
N LYS A 231 10.43 14.58 17.68
CA LYS A 231 10.22 13.33 16.92
C LYS A 231 8.88 12.68 17.20
N VAL A 232 8.24 12.20 16.14
CA VAL A 232 7.05 11.37 16.35
C VAL A 232 7.40 10.08 17.10
N PHE A 233 6.34 9.52 17.67
CA PHE A 233 6.32 8.20 18.29
C PHE A 233 6.60 7.09 17.19
N PRO A 234 7.49 6.14 17.48
CA PRO A 234 8.03 5.29 16.40
C PRO A 234 7.11 4.07 16.13
N THR A 235 5.91 4.35 15.62
CA THR A 235 4.97 3.37 15.16
C THR A 235 4.63 3.62 13.68
N THR A 236 3.68 2.86 13.16
CA THR A 236 3.37 2.93 11.77
C THR A 236 2.23 3.94 11.57
N TYR A 237 2.33 4.75 10.53
CA TYR A 237 1.29 5.75 10.24
C TYR A 237 0.64 5.46 8.89
N LEU A 238 -0.52 6.01 8.67
CA LEU A 238 -1.07 6.00 7.32
C LEU A 238 -1.02 7.38 6.72
N ALA A 239 -0.57 7.48 5.47
CA ALA A 239 -0.45 8.78 4.85
C ALA A 239 -1.33 8.75 3.66
N MET A 240 -1.88 9.92 3.30
CA MET A 240 -2.67 10.04 2.08
C MET A 240 -2.40 11.43 1.49
N LYS A 241 -2.45 11.52 0.16
CA LYS A 241 -2.57 12.77 -0.56
C LYS A 241 -3.62 12.50 -1.60
N TYR A 242 -4.29 13.55 -2.06
CA TYR A 242 -5.26 13.39 -3.15
C TYR A 242 -4.90 14.32 -4.33
N SER A 243 -5.45 14.01 -5.49
CA SER A 243 -5.23 14.83 -6.69
C SER A 243 -6.56 14.88 -7.37
N ASP A 244 -6.91 16.06 -7.82
CA ASP A 244 -8.13 16.23 -8.58
C ASP A 244 -7.82 16.29 -10.08
N ASP A 245 -6.52 16.42 -10.37
CA ASP A 245 -6.02 16.64 -11.72
C ASP A 245 -5.23 15.43 -12.23
N GLU A 246 -5.79 14.23 -11.97
CA GLU A 246 -5.23 12.93 -12.33
C GLU A 246 -3.75 12.77 -12.03
N GLY A 247 -3.32 13.26 -10.89
CA GLY A 247 -1.96 13.05 -10.47
C GLY A 247 -1.02 14.07 -11.05
N GLU A 248 -1.54 15.14 -11.67
CA GLU A 248 -0.68 16.24 -12.08
C GLU A 248 -0.15 16.97 -10.84
N THR A 249 -1.02 17.29 -9.91
CA THR A 249 -0.56 17.90 -8.66
C THR A 249 -1.20 17.12 -7.49
N TRP A 250 -0.59 17.23 -6.32
CA TRP A 250 -1.05 16.51 -5.11
C TRP A 250 -1.34 17.48 -3.99
N SER A 251 -2.34 17.14 -3.19
CA SER A 251 -2.67 17.89 -1.97
C SER A 251 -1.58 17.74 -0.93
N ASP A 252 -1.75 18.45 0.17
CA ASP A 252 -0.84 18.35 1.29
C ASP A 252 -0.91 16.97 1.99
N LEU A 253 0.18 16.56 2.62
CA LEU A 253 0.26 15.28 3.31
C LEU A 253 -0.79 15.19 4.41
N GLN A 254 -1.56 14.10 4.43
CA GLN A 254 -2.49 13.81 5.50
C GLN A 254 -2.06 12.57 6.26
N ILE A 255 -1.83 12.69 7.56
CA ILE A 255 -1.66 11.52 8.41
C ILE A 255 -3.02 11.11 8.90
N VAL A 256 -3.58 10.09 8.24
CA VAL A 256 -4.97 9.79 8.43
C VAL A 256 -5.21 8.80 9.56
N SER A 257 -4.16 8.24 10.13
CA SER A 257 -4.35 7.10 11.08
C SER A 257 -4.62 7.53 12.52
N THR A 258 -5.41 8.55 12.65
CA THR A 258 -5.77 9.08 13.95
C THR A 258 -6.53 8.02 14.73
N PHE A 259 -7.18 7.09 14.02
CA PHE A 259 -7.94 5.99 14.60
C PHE A 259 -7.03 4.79 14.94
N LYS A 260 -5.70 4.90 14.78
CA LYS A 260 -4.85 3.75 15.09
C LYS A 260 -5.10 3.30 16.54
N PRO A 261 -5.44 2.00 16.76
CA PRO A 261 -5.72 1.65 18.15
C PRO A 261 -4.49 1.75 19.00
N GLU A 262 -4.65 2.35 20.18
N GLU A 262 -4.63 2.35 20.16
CA GLU A 262 -3.57 2.49 21.18
CA GLU A 262 -3.51 2.49 21.10
C GLU A 262 -2.92 1.11 21.48
C GLU A 262 -2.90 1.10 21.48
N GLU A 263 -3.70 0.04 21.42
CA GLU A 263 -3.19 -1.31 21.62
C GLU A 263 -2.52 -2.01 20.44
N SER A 264 -2.44 -1.35 19.27
CA SER A 264 -1.93 -1.98 18.08
C SER A 264 -0.45 -1.68 17.92
N LYS A 265 0.28 -2.68 17.42
CA LYS A 265 1.70 -2.51 17.05
C LYS A 265 1.84 -1.84 15.70
N PHE A 266 1.16 -2.39 14.70
CA PHE A 266 1.13 -1.79 13.37
C PHE A 266 -0.28 -1.79 12.83
N LEU A 267 -0.57 -0.85 11.96
CA LEU A 267 -1.82 -0.85 11.21
C LEU A 267 -1.49 -0.29 9.86
N VAL A 268 -1.64 -1.11 8.85
CA VAL A 268 -1.05 -0.79 7.58
C VAL A 268 -2.09 -1.15 6.47
N LEU A 269 -1.74 -0.77 5.26
CA LEU A 269 -2.57 -0.93 4.08
C LEU A 269 -2.51 -2.32 3.50
N GLY A 270 -3.66 -2.82 3.00
CA GLY A 270 -3.66 -3.98 2.14
C GLY A 270 -3.39 -3.50 0.74
N PRO A 271 -2.19 -3.75 0.20
CA PRO A 271 -1.78 -3.03 -1.00
C PRO A 271 -2.56 -3.41 -2.27
N GLY A 272 -2.73 -2.42 -3.13
CA GLY A 272 -3.46 -2.65 -4.38
C GLY A 272 -4.34 -1.46 -4.62
N VAL A 273 -5.65 -1.72 -4.71
CA VAL A 273 -6.59 -0.65 -4.85
C VAL A 273 -7.65 -0.69 -3.78
N GLY A 274 -8.30 0.44 -3.58
CA GLY A 274 -9.53 0.50 -2.76
C GLY A 274 -10.76 0.37 -3.67
N LYS A 275 -11.93 0.72 -3.15
CA LYS A 275 -13.20 0.42 -3.79
C LYS A 275 -14.15 1.56 -3.49
N GLN A 276 -14.89 2.01 -4.50
CA GLN A 276 -16.11 2.77 -4.27
C GLN A 276 -17.33 1.87 -4.52
N ILE A 277 -18.26 1.86 -3.59
CA ILE A 277 -19.47 1.07 -3.76
C ILE A 277 -20.33 1.72 -4.88
N ALA A 278 -20.81 0.87 -5.78
CA ALA A 278 -21.61 1.35 -6.90
C ALA A 278 -23.09 1.16 -6.63
N ASN A 279 -23.46 0.01 -6.05
CA ASN A 279 -24.86 -0.35 -5.83
C ASN A 279 -25.32 -0.44 -4.37
N GLY A 280 -26.57 -0.05 -4.13
CA GLY A 280 -27.29 -0.37 -2.89
C GLY A 280 -27.32 0.75 -1.88
N GLU A 281 -27.59 0.37 -0.63
CA GLU A 281 -27.78 1.31 0.51
C GLU A 281 -26.59 2.24 0.61
N HIS A 282 -25.40 1.64 0.64
CA HIS A 282 -24.13 2.36 0.84
C HIS A 282 -23.38 2.70 -0.43
N ALA A 283 -24.07 2.74 -1.58
CA ALA A 283 -23.44 3.17 -2.83
C ALA A 283 -22.76 4.52 -2.63
N GLY A 284 -21.55 4.72 -3.19
CA GLY A 284 -20.78 5.97 -2.98
C GLY A 284 -19.76 5.93 -1.81
N ARG A 285 -19.95 4.97 -0.90
CA ARG A 285 -18.98 4.72 0.16
C ARG A 285 -17.63 4.36 -0.43
N LEU A 286 -16.60 5.08 -0.01
CA LEU A 286 -15.20 4.71 -0.30
C LEU A 286 -14.63 3.81 0.84
N ILE A 287 -14.00 2.69 0.47
CA ILE A 287 -13.45 1.76 1.42
C ILE A 287 -12.05 1.24 1.02
N VAL A 288 -11.17 1.15 2.01
CA VAL A 288 -9.78 0.78 1.81
C VAL A 288 -9.42 -0.29 2.85
N PRO A 289 -8.83 -1.40 2.40
CA PRO A 289 -8.53 -2.52 3.27
C PRO A 289 -7.23 -2.31 4.03
N LEU A 290 -7.19 -2.85 5.24
CA LEU A 290 -6.13 -2.63 6.19
C LEU A 290 -5.90 -3.93 6.89
N TYR A 291 -4.76 -4.06 7.54
CA TYR A 291 -4.59 -5.16 8.47
C TYR A 291 -3.62 -4.69 9.56
N SER A 292 -3.59 -5.44 10.67
CA SER A 292 -2.91 -4.97 11.89
C SER A 292 -2.46 -6.10 12.82
N LYS A 293 -1.50 -5.78 13.68
CA LYS A 293 -1.23 -6.49 14.94
C LYS A 293 -1.90 -5.66 16.00
N SER A 294 -3.05 -6.12 16.40
CA SER A 294 -3.90 -5.34 17.22
C SER A 294 -4.93 -6.26 17.90
N SER A 295 -6.06 -5.69 18.28
CA SER A 295 -7.28 -6.42 18.64
C SER A 295 -7.83 -7.29 17.50
N ALA A 296 -7.61 -6.79 16.26
CA ALA A 296 -8.04 -7.37 15.02
C ALA A 296 -6.88 -7.54 14.05
N GLU A 297 -7.12 -8.36 13.04
CA GLU A 297 -6.16 -8.62 12.01
C GLU A 297 -6.64 -7.86 10.79
N LEU A 298 -7.66 -8.38 10.12
CA LEU A 298 -8.27 -7.67 9.00
C LEU A 298 -9.08 -6.43 9.45
N GLY A 299 -8.96 -5.31 8.74
CA GLY A 299 -9.80 -4.14 8.99
C GLY A 299 -10.03 -3.33 7.72
N PHE A 300 -10.79 -2.24 7.84
CA PHE A 300 -11.03 -1.33 6.73
C PHE A 300 -11.17 0.05 7.25
N MET A 301 -10.93 1.02 6.37
CA MET A 301 -11.28 2.38 6.67
C MET A 301 -12.26 2.86 5.56
N TYR A 302 -13.32 3.55 5.94
CA TYR A 302 -14.31 3.99 4.93
C TYR A 302 -14.70 5.43 5.11
N SER A 303 -15.13 6.02 4.00
CA SER A 303 -15.58 7.41 3.98
C SER A 303 -16.94 7.43 3.29
N ASP A 304 -17.88 8.06 3.98
CA ASP A 304 -19.19 8.29 3.42
C ASP A 304 -19.25 9.76 3.01
N ASP A 305 -18.14 10.52 3.10
CA ASP A 305 -18.12 11.94 2.67
C ASP A 305 -16.99 12.33 1.69
N HIS A 306 -16.77 11.46 0.70
CA HIS A 306 -15.82 11.73 -0.37
C HIS A 306 -14.37 12.02 0.04
N GLY A 307 -13.93 11.39 1.13
CA GLY A 307 -12.52 11.42 1.51
C GLY A 307 -12.14 12.31 2.64
N ASN A 308 -13.06 13.14 3.09
CA ASN A 308 -12.72 14.07 4.14
C ASN A 308 -12.63 13.37 5.48
N ASN A 309 -13.48 12.41 5.76
CA ASN A 309 -13.39 11.73 7.06
C ASN A 309 -13.39 10.22 6.86
N TRP A 310 -12.64 9.53 7.73
CA TRP A 310 -12.45 8.11 7.58
C TRP A 310 -12.74 7.39 8.86
N THR A 311 -13.45 6.27 8.74
CA THR A 311 -13.90 5.48 9.88
C THR A 311 -13.24 4.11 9.84
N TYR A 312 -12.70 3.70 10.95
CA TYR A 312 -12.02 2.45 11.01
C TYR A 312 -12.98 1.40 11.54
N VAL A 313 -12.92 0.21 10.92
CA VAL A 313 -13.70 -0.97 11.28
C VAL A 313 -12.81 -2.20 11.38
N GLU A 314 -13.09 -3.04 12.39
CA GLU A 314 -12.43 -4.32 12.59
C GLU A 314 -13.30 -5.38 12.00
N ALA A 315 -12.70 -6.33 11.27
CA ALA A 315 -13.45 -7.43 10.60
C ALA A 315 -13.37 -8.74 11.34
N ASP A 316 -12.48 -8.86 12.33
CA ASP A 316 -12.30 -10.05 13.14
C ASP A 316 -11.82 -9.64 14.52
N GLN A 317 -11.50 -10.61 15.38
CA GLN A 317 -10.83 -10.36 16.66
C GLN A 317 -9.50 -11.12 16.84
N ASN A 318 -8.77 -11.33 15.77
CA ASN A 318 -7.49 -12.01 15.89
C ASN A 318 -6.44 -11.03 16.32
N THR A 319 -5.70 -11.42 17.33
CA THR A 319 -4.64 -10.62 17.91
C THR A 319 -3.23 -11.01 17.46
N GLY A 320 -3.12 -12.07 16.68
CA GLY A 320 -1.81 -12.54 16.28
C GLY A 320 -1.12 -11.78 15.15
N GLY A 321 -1.75 -10.77 14.57
CA GLY A 321 -1.09 -9.97 13.54
C GLY A 321 -0.60 -10.64 12.26
N ALA A 322 -1.25 -11.68 11.80
CA ALA A 322 -0.96 -12.28 10.49
C ALA A 322 -1.20 -11.29 9.39
N THR A 323 -0.57 -11.54 8.26
CA THR A 323 -0.53 -10.56 7.21
C THR A 323 -1.79 -10.55 6.34
N ALA A 324 -2.91 -10.06 6.86
CA ALA A 324 -4.19 -10.24 6.20
C ALA A 324 -4.44 -9.19 5.10
N GLU A 325 -3.55 -9.14 4.12
CA GLU A 325 -3.67 -8.21 3.00
C GLU A 325 -4.89 -8.58 2.22
N ALA A 326 -5.76 -7.62 1.96
CA ALA A 326 -7.06 -7.93 1.33
C ALA A 326 -7.34 -7.06 0.12
N GLN A 327 -8.23 -7.54 -0.74
CA GLN A 327 -8.77 -6.72 -1.82
C GLN A 327 -10.24 -7.12 -1.91
N ILE A 328 -11.05 -6.20 -2.38
CA ILE A 328 -12.49 -6.28 -2.17
C ILE A 328 -13.22 -6.22 -3.53
N VAL A 329 -14.20 -7.09 -3.77
CA VAL A 329 -15.10 -6.86 -4.92
C VAL A 329 -16.54 -6.64 -4.52
N GLU A 330 -17.30 -6.11 -5.45
CA GLU A 330 -18.71 -5.88 -5.23
C GLU A 330 -19.61 -6.92 -5.92
N MET A 331 -20.60 -7.39 -5.16
CA MET A 331 -21.69 -8.19 -5.69
C MET A 331 -22.74 -7.29 -6.40
N PRO A 332 -23.55 -7.86 -7.32
CA PRO A 332 -24.42 -6.95 -8.07
C PRO A 332 -25.46 -6.18 -7.18
N ASP A 333 -25.98 -6.80 -6.10
CA ASP A 333 -26.81 -6.02 -5.13
C ASP A 333 -25.99 -4.87 -4.56
N GLY A 334 -24.80 -5.20 -4.09
CA GLY A 334 -23.87 -4.19 -3.57
C GLY A 334 -23.15 -4.62 -2.32
N SER A 335 -23.47 -5.80 -1.81
CA SER A 335 -22.71 -6.40 -0.74
C SER A 335 -21.29 -6.55 -1.23
N LEU A 336 -20.42 -6.84 -0.28
CA LEU A 336 -19.00 -6.88 -0.50
C LEU A 336 -18.48 -8.26 -0.26
N LYS A 337 -17.64 -8.71 -1.20
CA LYS A 337 -16.83 -9.90 -0.98
C LYS A 337 -15.34 -9.49 -0.90
N THR A 338 -14.67 -9.97 0.13
CA THR A 338 -13.27 -9.64 0.27
C THR A 338 -12.51 -10.92 0.27
N TYR A 339 -11.40 -10.91 -0.47
CA TYR A 339 -10.52 -12.02 -0.54
C TYR A 339 -9.22 -11.56 0.11
N LEU A 340 -8.59 -12.43 0.86
CA LEU A 340 -7.45 -11.97 1.63
C LEU A 340 -6.42 -13.03 1.74
N ARG A 341 -5.16 -12.59 1.90
CA ARG A 341 -4.08 -13.47 2.28
C ARG A 341 -4.24 -13.84 3.79
N THR A 342 -3.67 -14.95 4.26
CA THR A 342 -3.61 -15.32 5.67
C THR A 342 -2.25 -15.91 5.89
N GLY A 343 -1.87 -16.12 7.14
CA GLY A 343 -0.72 -16.95 7.46
C GLY A 343 -1.14 -18.40 7.78
N SER A 344 -2.34 -18.83 7.33
CA SER A 344 -2.87 -20.18 7.69
C SER A 344 -2.89 -21.12 6.52
N GLY A 345 -2.16 -20.76 5.47
CA GLY A 345 -1.98 -21.63 4.31
C GLY A 345 -3.12 -21.66 3.32
N TYR A 346 -4.02 -20.71 3.37
CA TYR A 346 -5.04 -20.62 2.33
C TYR A 346 -5.44 -19.17 2.18
N ILE A 347 -6.05 -18.89 1.04
CA ILE A 347 -6.71 -17.63 0.81
C ILE A 347 -8.09 -17.72 1.46
N ALA A 348 -8.58 -16.61 2.03
CA ALA A 348 -9.84 -16.61 2.79
C ALA A 348 -10.79 -15.62 2.21
N GLN A 349 -12.09 -15.82 2.49
CA GLN A 349 -13.16 -14.99 1.94
C GLN A 349 -14.02 -14.56 3.10
N VAL A 350 -14.58 -13.36 2.97
CA VAL A 350 -15.44 -12.79 3.97
C VAL A 350 -16.44 -11.99 3.24
N MET A 351 -17.64 -11.91 3.81
CA MET A 351 -18.69 -11.13 3.20
C MET A 351 -19.14 -10.07 4.20
N SER A 352 -19.50 -8.89 3.71
CA SER A 352 -20.26 -7.92 4.46
C SER A 352 -21.47 -7.55 3.65
N THR A 353 -22.60 -7.36 4.33
CA THR A 353 -23.86 -6.91 3.66
C THR A 353 -24.29 -5.48 4.08
N ASP A 354 -23.46 -4.78 4.86
CA ASP A 354 -23.81 -3.46 5.42
C ASP A 354 -22.72 -2.52 5.03
N GLY A 355 -22.25 -2.69 3.81
CA GLY A 355 -21.28 -1.74 3.24
C GLY A 355 -19.89 -1.80 3.87
N GLY A 356 -19.57 -2.90 4.54
CA GLY A 356 -18.24 -3.14 5.16
C GLY A 356 -18.12 -2.82 6.65
N GLU A 357 -19.24 -2.77 7.37
CA GLU A 357 -19.25 -2.36 8.77
C GLU A 357 -19.05 -3.61 9.61
N THR A 358 -19.68 -4.68 9.18
CA THR A 358 -19.47 -5.97 9.75
C THR A 358 -19.16 -6.99 8.65
N TRP A 359 -18.54 -8.09 9.05
CA TRP A 359 -18.09 -9.09 8.12
C TRP A 359 -18.30 -10.47 8.68
N SER A 360 -18.56 -11.40 7.79
CA SER A 360 -18.76 -12.78 8.16
C SER A 360 -17.44 -13.37 8.54
N GLU A 361 -17.52 -14.56 9.10
CA GLU A 361 -16.38 -15.39 9.40
C GLU A 361 -15.59 -15.71 8.12
N ARG A 362 -14.27 -15.84 8.28
CA ARG A 362 -13.42 -16.25 7.14
C ARG A 362 -13.85 -17.61 6.59
N VAL A 363 -13.97 -17.72 5.28
CA VAL A 363 -14.16 -19.03 4.58
C VAL A 363 -12.96 -19.33 3.70
N PRO A 364 -12.26 -20.48 3.87
CA PRO A 364 -11.17 -20.82 2.96
C PRO A 364 -11.62 -20.85 1.52
N LEU A 365 -10.71 -20.58 0.61
CA LEU A 365 -11.04 -20.63 -0.79
C LEU A 365 -10.27 -21.82 -1.36
N THR A 366 -10.96 -22.93 -1.59
CA THR A 366 -10.35 -24.22 -1.89
C THR A 366 -9.59 -24.22 -3.19
N GLU A 367 -10.13 -23.48 -4.13
CA GLU A 367 -9.76 -23.54 -5.53
C GLU A 367 -8.30 -23.10 -5.83
N ILE A 368 -7.67 -22.39 -4.90
CA ILE A 368 -6.31 -21.85 -5.07
C ILE A 368 -5.31 -22.26 -3.98
N ALA A 369 -4.29 -22.97 -4.44
CA ALA A 369 -3.14 -23.29 -3.65
C ALA A 369 -2.33 -22.06 -3.37
N THR A 370 -1.70 -22.09 -2.21
CA THR A 370 -0.83 -21.03 -1.78
C THR A 370 0.09 -21.59 -0.69
N THR A 371 0.99 -20.76 -0.19
CA THR A 371 1.96 -21.14 0.81
C THR A 371 1.38 -20.75 2.13
N GLY A 372 2.06 -21.22 3.18
CA GLY A 372 1.71 -20.95 4.59
C GLY A 372 1.78 -19.48 4.94
N TYR A 373 2.86 -18.82 4.52
CA TYR A 373 3.08 -17.35 4.66
C TYR A 373 2.21 -16.50 3.74
N GLY A 374 1.73 -17.11 2.67
CA GLY A 374 0.81 -16.45 1.76
C GLY A 374 1.40 -15.38 0.88
N THR A 375 0.58 -14.91 -0.07
CA THR A 375 0.98 -13.77 -0.94
C THR A 375 -0.17 -12.82 -1.17
N GLN A 376 0.13 -11.56 -1.50
CA GLN A 376 -0.89 -10.60 -1.78
C GLN A 376 -1.57 -11.04 -3.12
N LEU A 377 -2.82 -10.68 -3.28
CA LEU A 377 -3.58 -10.99 -4.44
C LEU A 377 -4.23 -9.75 -4.92
N SER A 378 -4.79 -9.84 -6.13
CA SER A 378 -5.52 -8.81 -6.68
C SER A 378 -6.87 -9.38 -7.14
N VAL A 379 -7.96 -8.75 -6.71
CA VAL A 379 -9.26 -9.10 -7.21
C VAL A 379 -10.01 -7.89 -7.72
N ILE A 380 -10.72 -8.01 -8.85
CA ILE A 380 -11.53 -6.90 -9.36
C ILE A 380 -12.87 -7.30 -9.99
N ASN A 381 -13.70 -6.29 -10.15
CA ASN A 381 -14.94 -6.47 -10.87
C ASN A 381 -14.65 -6.31 -12.37
N TYR A 382 -15.37 -7.08 -13.19
CA TYR A 382 -15.34 -6.82 -14.63
C TYR A 382 -16.70 -6.27 -14.99
N SER A 383 -16.71 -5.24 -15.81
CA SER A 383 -17.93 -4.52 -16.10
C SER A 383 -18.91 -5.30 -17.02
N GLN A 384 -18.47 -6.40 -17.63
CA GLN A 384 -19.26 -7.04 -18.69
C GLN A 384 -19.65 -8.40 -18.31
N PRO A 385 -20.86 -8.81 -18.70
CA PRO A 385 -21.17 -10.19 -18.44
C PRO A 385 -20.12 -11.09 -19.08
N VAL A 386 -20.07 -12.33 -18.58
CA VAL A 386 -19.16 -13.34 -19.05
C VAL A 386 -19.91 -14.67 -18.99
N ASP A 387 -20.15 -15.27 -20.16
CA ASP A 387 -21.10 -16.37 -20.29
C ASP A 387 -22.42 -15.95 -19.65
N GLY A 388 -22.80 -14.70 -19.91
CA GLY A 388 -24.02 -14.12 -19.34
C GLY A 388 -24.18 -14.13 -17.83
N LYS A 389 -23.07 -14.05 -17.11
CA LYS A 389 -23.14 -13.79 -15.67
C LYS A 389 -22.20 -12.65 -15.30
N PRO A 390 -22.47 -12.01 -14.15
CA PRO A 390 -21.52 -11.05 -13.62
C PRO A 390 -20.26 -11.79 -13.20
N ALA A 391 -19.11 -11.16 -13.46
CA ALA A 391 -17.83 -11.83 -13.23
C ALA A 391 -16.82 -11.00 -12.44
N ILE A 392 -15.99 -11.69 -11.68
CA ILE A 392 -14.79 -11.06 -11.12
C ILE A 392 -13.54 -11.75 -11.66
N LEU A 393 -12.40 -11.06 -11.55
CA LEU A 393 -11.06 -11.60 -11.84
C LEU A 393 -10.12 -11.58 -10.60
N LEU A 394 -9.34 -12.63 -10.43
CA LEU A 394 -8.41 -12.71 -9.39
C LEU A 394 -7.05 -13.06 -9.97
N SER A 395 -6.00 -12.42 -9.46
CA SER A 395 -4.63 -12.73 -9.81
C SER A 395 -3.88 -13.03 -8.54
N ALA A 396 -3.11 -14.08 -8.58
CA ALA A 396 -2.41 -14.61 -7.42
C ALA A 396 -1.46 -15.69 -7.87
N PRO A 397 -0.35 -15.93 -7.14
CA PRO A 397 0.36 -17.12 -7.52
C PRO A 397 -0.44 -18.33 -7.10
N ASN A 398 -0.11 -19.49 -7.67
CA ASN A 398 -0.88 -20.76 -7.48
C ASN A 398 0.01 -21.92 -7.21
N ALA A 399 0.80 -21.89 -6.14
CA ALA A 399 1.72 -22.95 -5.79
C ALA A 399 1.80 -23.07 -4.31
N THR A 400 2.19 -24.24 -3.82
CA THR A 400 2.24 -24.46 -2.36
C THR A 400 3.65 -24.25 -1.85
N ASN A 401 4.59 -24.28 -2.77
CA ASN A 401 5.97 -24.10 -2.49
C ASN A 401 6.34 -22.88 -3.28
N GLY A 402 6.86 -21.86 -2.63
CA GLY A 402 7.21 -20.60 -3.31
C GLY A 402 6.12 -19.71 -3.93
N ARG A 403 6.54 -18.54 -4.38
CA ARG A 403 5.67 -17.59 -5.07
C ARG A 403 5.91 -17.76 -6.54
N LYS A 404 5.06 -18.56 -7.19
CA LYS A 404 5.24 -18.86 -8.59
C LYS A 404 3.94 -19.37 -9.19
N ASN A 405 3.94 -19.64 -10.49
CA ASN A 405 2.79 -20.18 -11.17
C ASN A 405 1.58 -19.24 -11.09
N GLY A 406 1.75 -18.01 -11.50
CA GLY A 406 0.73 -17.04 -11.34
C GLY A 406 -0.40 -17.41 -12.28
N LYS A 407 -1.62 -17.22 -11.82
CA LYS A 407 -2.84 -17.38 -12.65
C LYS A 407 -3.70 -16.14 -12.60
N ILE A 408 -4.45 -15.86 -13.68
CA ILE A 408 -5.57 -14.97 -13.64
C ILE A 408 -6.83 -15.87 -13.75
N TRP A 409 -7.71 -15.78 -12.76
CA TRP A 409 -8.95 -16.56 -12.74
C TRP A 409 -10.12 -15.67 -13.03
N ILE A 410 -11.15 -16.25 -13.63
CA ILE A 410 -12.47 -15.64 -13.79
C ILE A 410 -13.46 -16.44 -12.99
N GLY A 411 -14.18 -15.71 -12.14
CA GLY A 411 -15.21 -16.26 -11.28
C GLY A 411 -16.53 -15.77 -11.82
N LEU A 412 -17.51 -16.67 -11.83
CA LEU A 412 -18.82 -16.30 -12.31
C LEU A 412 -19.80 -16.28 -11.15
N ILE A 413 -20.57 -15.20 -11.05
CA ILE A 413 -21.43 -14.99 -9.87
C ILE A 413 -22.86 -15.44 -10.12
N SER A 414 -23.34 -16.30 -9.24
CA SER A 414 -24.73 -16.74 -9.21
C SER A 414 -25.49 -16.41 -7.91
N GLU A 415 -26.78 -16.11 -8.03
CA GLU A 415 -27.65 -16.13 -6.87
C GLU A 415 -27.85 -17.57 -6.48
N THR A 416 -27.65 -17.93 -5.21
CA THR A 416 -27.85 -19.32 -4.80
C THR A 416 -29.33 -19.58 -4.47
N GLY A 417 -30.15 -18.52 -4.48
CA GLY A 417 -31.51 -18.60 -3.95
C GLY A 417 -31.59 -18.66 -2.42
N ASN A 418 -30.44 -18.62 -1.74
CA ASN A 418 -30.39 -18.45 -0.28
C ASN A 418 -30.33 -16.97 0.00
N SER A 419 -30.14 -16.67 1.29
CA SER A 419 -30.33 -15.33 1.80
C SER A 419 -29.09 -14.76 2.56
N GLY A 420 -28.91 -13.44 2.45
CA GLY A 420 -27.93 -12.70 3.26
C GLY A 420 -26.53 -12.71 2.67
N LYS A 421 -25.56 -13.11 3.48
CA LYS A 421 -24.18 -13.24 3.04
C LYS A 421 -24.10 -14.41 2.05
N ASP A 422 -25.07 -15.31 2.08
CA ASP A 422 -25.11 -16.46 1.17
C ASP A 422 -25.95 -16.27 -0.08
N LYS A 423 -26.34 -15.03 -0.34
CA LYS A 423 -27.11 -14.71 -1.53
C LYS A 423 -26.42 -15.31 -2.75
N TYR A 424 -25.08 -15.19 -2.77
CA TYR A 424 -24.29 -15.41 -3.95
C TYR A 424 -23.26 -16.51 -3.89
N SER A 425 -23.05 -17.08 -5.06
CA SER A 425 -22.05 -18.12 -5.25
C SER A 425 -21.11 -17.65 -6.37
N VAL A 426 -19.81 -17.90 -6.21
CA VAL A 426 -18.82 -17.61 -7.28
C VAL A 426 -18.24 -18.90 -7.88
N ASP A 427 -18.42 -19.07 -9.17
CA ASP A 427 -17.91 -20.26 -9.85
C ASP A 427 -16.53 -19.93 -10.47
N TRP A 428 -15.44 -20.49 -9.93
CA TRP A 428 -14.10 -20.19 -10.55
C TRP A 428 -13.86 -21.11 -11.74
N LYS A 429 -14.42 -20.71 -12.88
CA LYS A 429 -14.59 -21.53 -14.10
C LYS A 429 -13.37 -21.47 -15.00
N TYR A 430 -12.86 -20.25 -15.16
CA TYR A 430 -11.63 -20.04 -15.94
C TYR A 430 -10.34 -19.79 -15.13
N CYS A 431 -9.25 -20.32 -15.65
CA CYS A 431 -7.92 -20.27 -15.01
C CYS A 431 -6.87 -20.16 -16.08
N TYR A 432 -6.40 -18.92 -16.27
CA TYR A 432 -5.38 -18.59 -17.23
C TYR A 432 -4.00 -18.60 -16.58
N SER A 433 -3.05 -19.31 -17.22
CA SER A 433 -1.63 -19.31 -16.81
C SER A 433 -0.82 -18.15 -17.43
N VAL A 434 -0.21 -17.32 -16.59
CA VAL A 434 0.49 -16.11 -17.09
C VAL A 434 1.82 -16.44 -17.76
N ASP A 435 2.48 -17.47 -17.24
CA ASP A 435 3.75 -17.98 -17.78
C ASP A 435 3.71 -19.46 -17.50
N THR A 436 4.71 -20.00 -16.84
CA THR A 436 4.81 -21.42 -16.65
C THR A 436 4.82 -21.64 -15.20
N PRO A 437 4.74 -22.91 -14.81
CA PRO A 437 4.60 -23.16 -13.40
C PRO A 437 5.85 -22.85 -12.56
N GLN A 438 7.03 -22.96 -13.14
CA GLN A 438 8.23 -22.68 -12.36
C GLN A 438 8.59 -21.19 -12.37
N MET A 439 7.95 -20.37 -13.18
CA MET A 439 8.30 -18.93 -13.19
C MET A 439 7.72 -18.19 -11.96
N GLY A 440 8.58 -17.42 -11.32
CA GLY A 440 8.22 -16.61 -10.16
C GLY A 440 7.09 -15.63 -10.42
N TYR A 441 6.25 -15.48 -9.41
CA TYR A 441 5.11 -14.60 -9.48
C TYR A 441 4.70 -14.26 -8.10
N SER A 442 4.69 -12.96 -7.78
CA SER A 442 4.32 -12.50 -6.46
C SER A 442 3.16 -11.50 -6.42
N TYR A 443 3.39 -10.30 -5.91
CA TYR A 443 2.32 -9.34 -5.75
C TYR A 443 1.83 -8.91 -7.16
N SER A 444 0.61 -8.48 -7.23
CA SER A 444 0.01 -8.19 -8.52
C SER A 444 -1.13 -7.22 -8.35
N CYS A 445 -1.50 -6.49 -9.40
CA CYS A 445 -2.70 -5.67 -9.37
C CYS A 445 -3.34 -5.66 -10.77
N LEU A 446 -4.59 -6.08 -10.85
CA LEU A 446 -5.36 -6.00 -12.10
C LEU A 446 -6.10 -4.69 -12.16
N THR A 447 -6.38 -4.28 -13.39
CA THR A 447 -7.42 -3.28 -13.59
C THR A 447 -8.09 -3.62 -14.90
N GLU A 448 -9.38 -3.31 -15.04
CA GLU A 448 -10.04 -3.30 -16.36
C GLU A 448 -9.73 -1.97 -17.03
N LEU A 449 -9.22 -2.04 -18.23
CA LEU A 449 -8.86 -0.88 -19.00
C LEU A 449 -10.10 -0.43 -19.80
N PRO A 450 -10.04 0.78 -20.37
CA PRO A 450 -11.17 1.45 -21.04
C PRO A 450 -11.81 0.61 -22.16
N ASP A 451 -10.97 -0.11 -22.91
CA ASP A 451 -11.44 -0.79 -24.09
C ASP A 451 -12.07 -2.09 -23.66
N GLY A 452 -11.96 -2.38 -22.36
CA GLY A 452 -12.43 -3.64 -21.81
C GLY A 452 -11.34 -4.68 -21.80
N GLU A 453 -10.14 -4.30 -22.17
CA GLU A 453 -8.95 -5.16 -21.93
C GLU A 453 -8.62 -5.22 -20.43
N ILE A 454 -7.98 -6.31 -19.99
CA ILE A 454 -7.50 -6.48 -18.61
C ILE A 454 -6.03 -6.20 -18.48
N GLY A 455 -5.68 -5.23 -17.63
CA GLY A 455 -4.28 -4.83 -17.39
C GLY A 455 -3.75 -5.48 -16.12
N LEU A 456 -2.45 -5.78 -16.10
CA LEU A 456 -1.82 -6.45 -15.00
C LEU A 456 -0.37 -5.92 -14.76
N LEU A 457 -0.10 -5.49 -13.53
CA LEU A 457 1.24 -5.10 -13.13
C LEU A 457 1.59 -6.06 -12.06
N TYR A 458 2.71 -6.77 -12.25
CA TYR A 458 3.09 -7.79 -11.30
C TYR A 458 4.56 -8.00 -11.05
N GLU A 459 4.84 -8.59 -9.91
CA GLU A 459 6.18 -8.99 -9.59
C GLU A 459 6.48 -10.35 -10.21
N LYS A 460 7.28 -10.35 -11.28
CA LYS A 460 7.72 -11.57 -11.99
C LYS A 460 8.99 -12.21 -11.42
N TYR A 461 8.98 -12.46 -10.13
CA TYR A 461 9.97 -13.22 -9.46
C TYR A 461 9.34 -13.64 -8.11
N ASP A 462 10.09 -14.32 -7.24
CA ASP A 462 9.56 -14.72 -5.91
C ASP A 462 10.15 -13.72 -4.91
N SER A 463 9.31 -12.81 -4.41
CA SER A 463 9.73 -11.72 -3.50
C SER A 463 9.83 -12.06 -2.04
N TRP A 464 9.50 -13.28 -1.72
CA TRP A 464 9.67 -13.82 -0.38
C TRP A 464 11.05 -14.46 -0.26
N SER A 465 11.43 -15.19 -1.31
CA SER A 465 12.68 -15.94 -1.32
C SER A 465 13.85 -15.10 -0.93
N ARG A 466 14.63 -15.62 0.00
CA ARG A 466 15.93 -15.04 0.36
C ARG A 466 16.98 -15.20 -0.71
N ASN A 467 16.69 -15.99 -1.74
CA ASN A 467 17.63 -16.11 -2.85
C ASN A 467 17.38 -15.28 -4.09
N GLU A 468 16.24 -14.59 -4.12
CA GLU A 468 15.86 -13.67 -5.18
C GLU A 468 15.75 -12.22 -4.76
N LEU A 469 16.34 -11.89 -3.64
CA LEU A 469 16.39 -10.51 -3.22
C LEU A 469 17.12 -9.66 -4.19
N HIS A 470 16.73 -8.39 -4.25
CA HIS A 470 17.55 -7.35 -4.93
C HIS A 470 17.74 -7.63 -6.42
N LEU A 471 16.68 -8.11 -7.06
CA LEU A 471 16.64 -8.16 -8.51
C LEU A 471 16.04 -6.91 -9.11
N LYS A 472 16.59 -6.46 -10.26
CA LYS A 472 16.08 -5.34 -11.07
C LYS A 472 15.17 -5.78 -12.17
N ASN A 473 14.29 -4.86 -12.52
CA ASN A 473 13.41 -5.00 -13.63
C ASN A 473 12.53 -6.22 -13.60
N ILE A 474 11.97 -6.47 -12.41
CA ILE A 474 11.07 -7.63 -12.18
C ILE A 474 9.60 -7.22 -12.14
N LEU A 475 9.33 -5.93 -12.35
CA LEU A 475 8.00 -5.40 -12.25
C LEU A 475 7.43 -5.26 -13.65
N LYS A 476 6.52 -6.17 -14.00
CA LYS A 476 6.07 -6.33 -15.37
C LYS A 476 4.60 -5.98 -15.61
N TYR A 477 4.37 -5.32 -16.74
CA TYR A 477 3.08 -4.87 -17.18
C TYR A 477 2.67 -5.62 -18.46
N GLU A 478 1.50 -6.27 -18.43
CA GLU A 478 0.92 -6.99 -19.57
C GLU A 478 -0.57 -6.72 -19.69
N ARG A 479 -1.09 -6.87 -20.91
CA ARG A 479 -2.48 -6.64 -21.25
C ARG A 479 -3.14 -7.84 -21.92
N PHE A 480 -4.39 -8.11 -21.59
CA PHE A 480 -5.07 -9.25 -22.17
C PHE A 480 -6.45 -8.90 -22.61
N ASN A 481 -6.92 -9.50 -23.69
N ASN A 481 -6.90 -9.53 -23.69
CA ASN A 481 -8.34 -9.42 -23.99
CA ASN A 481 -8.30 -9.51 -24.04
C ASN A 481 -9.02 -10.53 -23.22
C ASN A 481 -9.02 -10.54 -23.22
N ILE A 482 -10.32 -10.36 -23.04
CA ILE A 482 -11.06 -11.22 -22.17
C ILE A 482 -11.18 -12.66 -22.71
N ASP A 483 -11.12 -12.85 -24.03
CA ASP A 483 -11.20 -14.22 -24.59
C ASP A 483 -9.93 -15.00 -24.33
N GLU A 484 -8.74 -14.37 -24.43
CA GLU A 484 -7.45 -15.07 -24.02
C GLU A 484 -7.63 -15.77 -22.69
N LEU A 485 -8.25 -15.05 -21.74
CA LEU A 485 -8.25 -15.49 -20.35
C LEU A 485 -9.21 -16.65 -20.09
N LYS A 486 -10.09 -16.94 -21.05
CA LYS A 486 -11.13 -17.95 -20.80
C LYS A 486 -10.60 -19.33 -21.11
N VAL A 487 -9.73 -19.80 -20.23
CA VAL A 487 -9.07 -21.05 -20.44
C VAL A 487 -9.59 -21.99 -19.37
N GLN A 488 -9.73 -23.24 -19.74
CA GLN A 488 -10.07 -24.29 -18.77
C GLN A 488 -9.06 -25.41 -18.91
N PRO A 489 -8.02 -25.43 -18.04
CA PRO A 489 -6.92 -26.41 -18.15
C PRO A 489 -7.30 -27.89 -17.91
#